data_5KHB
#
_entry.id   5KHB
#
_entity_poly.entity_id   1
_entity_poly.type   'polypeptide(L)'
_entity_poly.pdbx_seq_one_letter_code
;(FME)GIIAGIIKVIKSLIEQFTGK
;
_entity_poly.pdbx_strand_id   A
#
# COMPACT_ATOMS: atom_id res chain seq x y z
N GLY A 2 4.63 -13.73 -5.06
CA GLY A 2 5.73 -12.81 -4.93
C GLY A 2 5.28 -11.36 -4.87
N ILE A 3 4.39 -10.98 -5.78
CA ILE A 3 3.88 -9.62 -5.82
C ILE A 3 2.51 -9.53 -5.16
N ILE A 4 1.74 -10.61 -5.25
CA ILE A 4 0.40 -10.65 -4.65
C ILE A 4 0.48 -10.76 -3.13
N ALA A 5 1.59 -11.30 -2.64
CA ALA A 5 1.79 -11.46 -1.21
C ALA A 5 2.31 -10.16 -0.58
N GLY A 6 2.96 -9.34 -1.39
CA GLY A 6 3.51 -8.09 -0.90
C GLY A 6 2.63 -6.90 -1.26
N ILE A 7 1.76 -7.08 -2.24
CA ILE A 7 0.85 -6.02 -2.66
C ILE A 7 0.06 -5.47 -1.49
N ILE A 8 -0.23 -6.32 -0.52
CA ILE A 8 -0.98 -5.91 0.66
C ILE A 8 -0.12 -5.07 1.60
N LYS A 9 1.18 -5.31 1.55
CA LYS A 9 2.12 -4.58 2.39
C LYS A 9 2.43 -3.21 1.80
N VAL A 10 2.16 -3.05 0.51
CA VAL A 10 2.41 -1.79 -0.18
C VAL A 10 1.13 -0.97 -0.31
N ILE A 11 0.04 -1.65 -0.64
CA ILE A 11 -1.25 -0.97 -0.78
C ILE A 11 -1.58 -0.13 0.44
N LYS A 12 -1.09 -0.56 1.60
CA LYS A 12 -1.33 0.17 2.84
C LYS A 12 -0.52 1.47 2.88
N SER A 13 0.73 1.39 2.46
CA SER A 13 1.61 2.56 2.45
C SER A 13 1.25 3.50 1.30
N LEU A 14 0.67 2.93 0.24
CA LEU A 14 0.27 3.72 -0.92
C LEU A 14 -0.88 4.65 -0.58
N ILE A 15 -1.87 4.14 0.13
CA ILE A 15 -3.02 4.94 0.54
C ILE A 15 -2.62 6.03 1.51
N GLU A 16 -1.52 5.81 2.23
CA GLU A 16 -1.03 6.78 3.20
C GLU A 16 -0.50 8.03 2.49
N GLN A 17 0.49 7.83 1.63
CA GLN A 17 1.09 8.95 0.89
C GLN A 17 0.04 9.67 0.06
N PHE A 18 -0.89 8.92 -0.52
CA PHE A 18 -1.95 9.49 -1.34
C PHE A 18 -2.77 10.50 -0.54
N THR A 19 -3.50 9.99 0.45
CA THR A 19 -4.33 10.85 1.29
C THR A 19 -3.52 12.01 1.87
N GLY A 20 -4.03 13.23 1.67
CA GLY A 20 -3.34 14.41 2.17
C GLY A 20 -4.02 14.99 3.40
N LYS A 21 -4.44 14.12 4.31
CA LYS A 21 -5.10 14.55 5.53
C LYS A 21 -4.08 14.89 6.62
N GLY A 2 4.68 -13.86 -4.92
CA GLY A 2 5.73 -12.89 -5.18
C GLY A 2 5.26 -11.46 -5.02
N ILE A 3 4.47 -10.99 -5.99
CA ILE A 3 3.95 -9.63 -5.96
C ILE A 3 2.61 -9.57 -5.24
N ILE A 4 1.87 -10.67 -5.29
CA ILE A 4 0.56 -10.74 -4.65
C ILE A 4 0.70 -10.84 -3.13
N ALA A 5 1.85 -11.35 -2.68
CA ALA A 5 2.11 -11.49 -1.25
C ALA A 5 2.63 -10.19 -0.66
N GLY A 6 3.23 -9.35 -1.50
CA GLY A 6 3.76 -8.08 -1.04
C GLY A 6 2.84 -6.92 -1.37
N ILE A 7 1.94 -7.13 -2.32
CA ILE A 7 1.00 -6.10 -2.73
C ILE A 7 0.26 -5.51 -1.53
N ILE A 8 -0.01 -6.36 -0.53
CA ILE A 8 -0.70 -5.93 0.67
C ILE A 8 0.18 -5.04 1.53
N LYS A 9 1.48 -5.28 1.47
CA LYS A 9 2.44 -4.50 2.25
C LYS A 9 2.69 -3.15 1.60
N VAL A 10 2.36 -3.04 0.32
CA VAL A 10 2.55 -1.80 -0.43
C VAL A 10 1.26 -0.99 -0.49
N ILE A 11 0.15 -1.68 -0.79
CA ILE A 11 -1.14 -1.03 -0.88
C ILE A 11 -1.44 -0.21 0.37
N LYS A 12 -0.90 -0.65 1.50
CA LYS A 12 -1.09 0.05 2.77
C LYS A 12 -0.31 1.36 2.79
N SER A 13 0.92 1.32 2.30
CA SER A 13 1.78 2.50 2.26
C SER A 13 1.35 3.45 1.15
N LEU A 14 0.74 2.90 0.11
CA LEU A 14 0.27 3.69 -1.02
C LEU A 14 -0.89 4.60 -0.62
N ILE A 15 -1.83 4.04 0.13
CA ILE A 15 -2.99 4.80 0.58
C ILE A 15 -2.58 5.87 1.59
N GLU A 16 -1.47 5.64 2.28
CA GLU A 16 -0.97 6.59 3.28
C GLU A 16 -0.45 7.85 2.60
N GLN A 17 0.55 7.68 1.72
CA GLN A 17 1.14 8.81 1.01
C GLN A 17 0.08 9.57 0.24
N PHE A 18 -0.82 8.85 -0.41
CA PHE A 18 -1.89 9.46 -1.19
C PHE A 18 -2.68 10.46 -0.35
N THR A 19 -3.40 9.94 0.65
CA THR A 19 -4.20 10.78 1.53
C THR A 19 -3.36 11.90 2.13
N GLY A 20 -4.03 12.88 2.74
CA GLY A 20 -3.33 13.99 3.35
C GLY A 20 -2.85 13.68 4.75
N LYS A 21 -3.67 12.96 5.50
CA LYS A 21 -3.33 12.59 6.88
C LYS A 21 -2.12 11.67 6.90
N GLY A 2 3.97 -14.63 -4.60
CA GLY A 2 5.13 -13.83 -4.25
C GLY A 2 4.81 -12.35 -4.19
N ILE A 3 4.12 -11.84 -5.21
CA ILE A 3 3.76 -10.44 -5.26
C ILE A 3 2.38 -10.21 -4.65
N ILE A 4 1.55 -11.24 -4.66
CA ILE A 4 0.20 -11.15 -4.11
C ILE A 4 0.23 -11.08 -2.59
N ALA A 5 1.30 -11.60 -2.01
CA ALA A 5 1.46 -11.61 -0.56
C ALA A 5 2.02 -10.27 -0.06
N GLY A 6 2.73 -9.57 -0.94
CA GLY A 6 3.29 -8.29 -0.58
C GLY A 6 2.48 -7.12 -1.09
N ILE A 7 1.63 -7.39 -2.08
CA ILE A 7 0.80 -6.35 -2.67
C ILE A 7 0.00 -5.61 -1.60
N ILE A 8 -0.37 -6.33 -0.55
CA ILE A 8 -1.13 -5.74 0.54
C ILE A 8 -0.26 -4.81 1.38
N LYS A 9 1.03 -5.13 1.46
CA LYS A 9 1.98 -4.31 2.22
C LYS A 9 2.36 -3.05 1.45
N VAL A 10 2.13 -3.07 0.14
CA VAL A 10 2.44 -1.92 -0.70
C VAL A 10 1.21 -1.06 -0.95
N ILE A 11 0.09 -1.72 -1.26
CA ILE A 11 -1.17 -1.01 -1.52
C ILE A 11 -1.49 -0.05 -0.38
N LYS A 12 -1.06 -0.39 0.82
CA LYS A 12 -1.30 0.45 1.99
C LYS A 12 -0.41 1.68 1.97
N SER A 13 0.90 1.47 1.80
CA SER A 13 1.85 2.56 1.76
C SER A 13 1.49 3.58 0.67
N LEU A 14 0.95 3.07 -0.43
CA LEU A 14 0.55 3.92 -1.55
C LEU A 14 -0.64 4.79 -1.17
N ILE A 15 -1.74 4.16 -0.78
CA ILE A 15 -2.94 4.88 -0.39
C ILE A 15 -2.66 5.85 0.75
N GLU A 16 -1.65 5.52 1.56
CA GLU A 16 -1.28 6.36 2.68
C GLU A 16 -0.84 7.75 2.22
N GLN A 17 0.25 7.79 1.46
CA GLN A 17 0.78 9.06 0.94
C GLN A 17 -0.29 9.80 0.16
N PHE A 18 -1.22 9.06 -0.44
CA PHE A 18 -2.28 9.65 -1.22
C PHE A 18 -3.31 10.34 -0.31
N THR A 19 -3.79 9.61 0.68
CA THR A 19 -4.77 10.16 1.62
C THR A 19 -4.11 11.11 2.60
N GLY A 20 -4.92 11.96 3.23
CA GLY A 20 -4.40 12.92 4.18
C GLY A 20 -4.16 12.31 5.55
N LYS A 21 -5.23 11.83 6.17
CA LYS A 21 -5.14 11.21 7.50
C LYS A 21 -5.12 9.69 7.38
N GLY A 2 4.50 -14.23 -5.25
CA GLY A 2 5.64 -13.40 -4.88
C GLY A 2 5.28 -11.93 -4.83
N ILE A 3 4.22 -11.56 -5.55
CA ILE A 3 3.78 -10.17 -5.58
C ILE A 3 2.39 -10.01 -4.97
N ILE A 4 1.61 -11.09 -5.01
CA ILE A 4 0.26 -11.08 -4.45
C ILE A 4 0.30 -11.08 -2.93
N ALA A 5 1.39 -11.60 -2.37
CA ALA A 5 1.55 -11.67 -0.92
C ALA A 5 2.07 -10.34 -0.36
N GLY A 6 2.75 -9.58 -1.21
CA GLY A 6 3.29 -8.30 -0.79
C GLY A 6 2.45 -7.12 -1.26
N ILE A 7 1.60 -7.37 -2.25
CA ILE A 7 0.74 -6.33 -2.80
C ILE A 7 -0.07 -5.65 -1.69
N ILE A 8 -0.43 -6.41 -0.68
CA ILE A 8 -1.19 -5.89 0.45
C ILE A 8 -0.33 -4.97 1.31
N LYS A 9 0.97 -5.26 1.36
CA LYS A 9 1.89 -4.47 2.16
C LYS A 9 2.25 -3.17 1.44
N VAL A 10 2.01 -3.13 0.13
CA VAL A 10 2.29 -1.95 -0.67
C VAL A 10 1.04 -1.11 -0.87
N ILE A 11 -0.06 -1.77 -1.20
CA ILE A 11 -1.33 -1.07 -1.42
C ILE A 11 -1.67 -0.17 -0.25
N LYS A 12 -1.23 -0.56 0.94
CA LYS A 12 -1.48 0.22 2.15
C LYS A 12 -0.64 1.49 2.16
N SER A 13 0.60 1.38 1.70
CA SER A 13 1.51 2.52 1.67
C SER A 13 1.07 3.53 0.60
N LEU A 14 0.57 3.02 -0.51
CA LEU A 14 0.11 3.87 -1.61
C LEU A 14 -1.08 4.72 -1.18
N ILE A 15 -1.84 4.22 -0.21
CA ILE A 15 -3.01 4.93 0.30
C ILE A 15 -2.61 5.91 1.40
N GLU A 16 -1.63 5.52 2.21
CA GLU A 16 -1.17 6.37 3.30
C GLU A 16 -0.58 7.67 2.77
N GLN A 17 0.21 7.57 1.70
CA GLN A 17 0.83 8.74 1.10
C GLN A 17 -0.20 9.58 0.36
N PHE A 18 -1.20 8.91 -0.21
CA PHE A 18 -2.25 9.61 -0.96
C PHE A 18 -3.14 10.41 -0.01
N THR A 19 -3.81 9.71 0.91
CA THR A 19 -4.70 10.36 1.86
C THR A 19 -3.95 11.43 2.66
N GLY A 20 -4.72 12.29 3.33
CA GLY A 20 -4.11 13.35 4.12
C GLY A 20 -3.40 12.82 5.35
N LYS A 21 -4.08 11.97 6.10
CA LYS A 21 -3.52 11.38 7.31
C LYS A 21 -4.27 10.13 7.72
N GLY A 2 4.21 -14.05 -4.75
CA GLY A 2 5.13 -13.11 -4.17
C GLY A 2 4.64 -11.67 -4.26
N ILE A 3 3.83 -11.40 -5.28
CA ILE A 3 3.29 -10.06 -5.49
C ILE A 3 1.95 -9.90 -4.80
N ILE A 4 1.18 -10.98 -4.74
CA ILE A 4 -0.13 -10.96 -4.11
C ILE A 4 -0.01 -10.89 -2.59
N ALA A 5 1.12 -11.36 -2.07
CA ALA A 5 1.36 -11.35 -0.63
C ALA A 5 1.89 -10.00 -0.18
N GLY A 6 2.52 -9.27 -1.10
CA GLY A 6 3.05 -7.97 -0.76
C GLY A 6 2.17 -6.83 -1.25
N ILE A 7 1.27 -7.14 -2.17
CA ILE A 7 0.36 -6.14 -2.72
C ILE A 7 -0.38 -5.41 -1.60
N ILE A 8 -0.67 -6.13 -0.53
CA ILE A 8 -1.38 -5.55 0.62
C ILE A 8 -0.49 -4.59 1.38
N LYS A 9 0.82 -4.86 1.37
CA LYS A 9 1.78 -4.01 2.07
C LYS A 9 2.07 -2.75 1.26
N VAL A 10 1.75 -2.78 -0.02
CA VAL A 10 1.98 -1.64 -0.90
C VAL A 10 0.70 -0.83 -1.06
N ILE A 11 -0.40 -1.51 -1.32
CA ILE A 11 -1.69 -0.85 -1.51
C ILE A 11 -1.99 0.09 -0.34
N LYS A 12 -1.49 -0.24 0.84
CA LYS A 12 -1.69 0.57 2.02
C LYS A 12 -0.71 1.73 2.08
N SER A 13 0.57 1.42 1.88
CA SER A 13 1.63 2.43 1.91
C SER A 13 1.36 3.51 0.86
N LEU A 14 0.80 3.10 -0.27
CA LEU A 14 0.49 4.04 -1.35
C LEU A 14 -0.61 5.01 -0.94
N ILE A 15 -1.73 4.46 -0.49
CA ILE A 15 -2.86 5.28 -0.06
C ILE A 15 -2.47 6.18 1.10
N GLU A 16 -1.48 5.76 1.88
CA GLU A 16 -1.02 6.53 3.02
C GLU A 16 -0.40 7.85 2.56
N GLN A 17 0.67 7.75 1.78
CA GLN A 17 1.36 8.93 1.28
C GLN A 17 0.40 9.83 0.51
N PHE A 18 -0.65 9.23 -0.06
CA PHE A 18 -1.63 9.98 -0.82
C PHE A 18 -2.54 10.78 0.10
N THR A 19 -3.11 10.11 1.09
CA THR A 19 -4.00 10.76 2.05
C THR A 19 -3.22 11.61 3.05
N GLY A 20 -3.39 12.92 2.97
CA GLY A 20 -2.69 13.81 3.88
C GLY A 20 -3.42 13.99 5.20
N LYS A 21 -3.73 12.87 5.85
CA LYS A 21 -4.43 12.92 7.13
C LYS A 21 -3.72 13.84 8.12
N GLY A 2 3.63 -14.17 -5.92
CA GLY A 2 4.73 -13.33 -5.44
C GLY A 2 4.35 -11.86 -5.40
N ILE A 3 3.32 -11.49 -6.15
CA ILE A 3 2.87 -10.11 -6.21
C ILE A 3 1.58 -9.92 -5.42
N ILE A 4 0.73 -10.93 -5.44
CA ILE A 4 -0.54 -10.89 -4.72
C ILE A 4 -0.33 -11.02 -3.22
N ALA A 5 0.77 -11.65 -2.84
CA ALA A 5 1.10 -11.85 -1.43
C ALA A 5 1.77 -10.60 -0.84
N GLY A 6 2.40 -9.82 -1.71
CA GLY A 6 3.08 -8.62 -1.26
C GLY A 6 2.25 -7.37 -1.51
N ILE A 7 1.28 -7.47 -2.41
CA ILE A 7 0.42 -6.34 -2.74
C ILE A 7 -0.21 -5.74 -1.50
N ILE A 8 -0.48 -6.59 -0.51
CA ILE A 8 -1.09 -6.14 0.74
C ILE A 8 -0.07 -5.38 1.60
N LYS A 9 1.20 -5.72 1.43
CA LYS A 9 2.26 -5.07 2.19
C LYS A 9 2.62 -3.71 1.57
N VAL A 10 2.24 -3.52 0.31
CA VAL A 10 2.51 -2.28 -0.40
C VAL A 10 1.29 -1.36 -0.39
N ILE A 11 0.12 -1.94 -0.63
CA ILE A 11 -1.12 -1.18 -0.66
C ILE A 11 -1.27 -0.34 0.60
N LYS A 12 -0.72 -0.83 1.70
CA LYS A 12 -0.79 -0.12 2.98
C LYS A 12 0.14 1.08 2.99
N SER A 13 1.36 0.89 2.49
CA SER A 13 2.35 1.95 2.43
C SER A 13 1.91 3.06 1.47
N LEU A 14 1.11 2.69 0.49
CA LEU A 14 0.61 3.64 -0.50
C LEU A 14 -0.49 4.51 0.09
N ILE A 15 -1.56 3.87 0.54
CA ILE A 15 -2.69 4.59 1.13
C ILE A 15 -2.24 5.46 2.29
N GLU A 16 -1.14 5.07 2.92
CA GLU A 16 -0.60 5.82 4.06
C GLU A 16 -0.16 7.21 3.62
N GLN A 17 0.83 7.27 2.73
CA GLN A 17 1.34 8.54 2.24
C GLN A 17 0.30 9.26 1.39
N PHE A 18 -0.56 8.48 0.75
CA PHE A 18 -1.61 9.04 -0.10
C PHE A 18 -2.47 10.04 0.68
N THR A 19 -3.17 9.55 1.70
CA THR A 19 -4.03 10.39 2.52
C THR A 19 -3.26 11.60 3.05
N GLY A 20 -3.87 12.77 2.96
CA GLY A 20 -3.22 13.98 3.44
C GLY A 20 -3.83 14.49 4.72
N LYS A 21 -5.14 14.29 4.89
CA LYS A 21 -5.85 14.72 6.08
C LYS A 21 -5.60 13.76 7.24
N GLY A 2 3.95 -13.82 -4.61
CA GLY A 2 5.05 -12.87 -4.52
C GLY A 2 4.59 -11.45 -4.69
N ILE A 3 3.64 -11.24 -5.60
CA ILE A 3 3.11 -9.90 -5.86
C ILE A 3 1.79 -9.69 -5.14
N ILE A 4 0.99 -10.75 -5.06
CA ILE A 4 -0.31 -10.68 -4.39
C ILE A 4 -0.15 -10.65 -2.87
N ALA A 5 0.97 -11.20 -2.39
CA ALA A 5 1.24 -11.24 -0.96
C ALA A 5 1.84 -9.93 -0.47
N GLY A 6 2.48 -9.21 -1.39
CA GLY A 6 3.09 -7.93 -1.03
C GLY A 6 2.23 -6.75 -1.43
N ILE A 7 1.29 -6.98 -2.34
CA ILE A 7 0.40 -5.92 -2.80
C ILE A 7 -0.30 -5.23 -1.63
N ILE A 8 -0.57 -6.00 -0.57
CA ILE A 8 -1.22 -5.47 0.61
C ILE A 8 -0.27 -4.59 1.42
N LYS A 9 1.02 -4.88 1.32
CA LYS A 9 2.04 -4.12 2.04
C LYS A 9 2.36 -2.82 1.31
N VAL A 10 2.00 -2.76 0.03
CA VAL A 10 2.25 -1.56 -0.78
C VAL A 10 1.00 -0.71 -0.89
N ILE A 11 -0.14 -1.37 -1.11
CA ILE A 11 -1.41 -0.67 -1.24
C ILE A 11 -1.63 0.29 -0.07
N LYS A 12 -1.09 -0.07 1.09
CA LYS A 12 -1.23 0.75 2.29
C LYS A 12 -0.29 1.95 2.24
N SER A 13 0.95 1.70 1.82
CA SER A 13 1.96 2.76 1.74
C SER A 13 1.56 3.80 0.69
N LEU A 14 0.93 3.34 -0.39
CA LEU A 14 0.49 4.22 -1.46
C LEU A 14 -0.62 5.14 -0.98
N ILE A 15 -1.71 4.55 -0.50
CA ILE A 15 -2.85 5.31 0.00
C ILE A 15 -2.43 6.27 1.11
N GLU A 16 -1.35 5.93 1.80
CA GLU A 16 -0.84 6.76 2.89
C GLU A 16 -0.37 8.12 2.36
N GLN A 17 0.66 8.09 1.51
CA GLN A 17 1.20 9.31 0.95
C GLN A 17 0.11 10.13 0.27
N PHE A 18 -0.91 9.44 -0.23
CA PHE A 18 -2.03 10.11 -0.91
C PHE A 18 -2.88 10.89 0.09
N THR A 19 -3.59 10.16 0.93
CA THR A 19 -4.46 10.78 1.94
C THR A 19 -3.69 11.82 2.76
N GLY A 20 -2.52 11.42 3.25
CA GLY A 20 -1.71 12.32 4.05
C GLY A 20 -2.31 12.59 5.41
N LYS A 21 -3.00 11.60 5.96
CA LYS A 21 -3.63 11.72 7.27
C LYS A 21 -2.58 11.74 8.37
N GLY A 2 4.53 -13.73 -4.67
CA GLY A 2 5.65 -12.80 -4.64
C GLY A 2 5.20 -11.36 -4.69
N ILE A 3 4.40 -11.02 -5.69
CA ILE A 3 3.91 -9.65 -5.84
C ILE A 3 2.52 -9.50 -5.24
N ILE A 4 1.75 -10.58 -5.26
CA ILE A 4 0.40 -10.56 -4.70
C ILE A 4 0.42 -10.63 -3.19
N ALA A 5 1.50 -11.19 -2.65
CA ALA A 5 1.65 -11.31 -1.19
C ALA A 5 2.18 -10.01 -0.59
N GLY A 6 2.89 -9.23 -1.40
CA GLY A 6 3.43 -7.97 -0.92
C GLY A 6 2.58 -6.78 -1.32
N ILE A 7 1.72 -6.97 -2.31
CA ILE A 7 0.85 -5.90 -2.79
C ILE A 7 0.03 -5.32 -1.64
N ILE A 8 -0.26 -6.15 -0.64
CA ILE A 8 -1.03 -5.70 0.51
C ILE A 8 -0.17 -4.86 1.45
N LYS A 9 1.13 -5.11 1.44
CA LYS A 9 2.05 -4.37 2.29
C LYS A 9 2.40 -3.01 1.68
N VAL A 10 2.15 -2.88 0.37
CA VAL A 10 2.43 -1.64 -0.34
C VAL A 10 1.17 -0.80 -0.52
N ILE A 11 0.06 -1.48 -0.86
CA ILE A 11 -1.21 -0.80 -1.06
C ILE A 11 -1.56 0.07 0.14
N LYS A 12 -1.11 -0.34 1.31
CA LYS A 12 -1.37 0.41 2.53
C LYS A 12 -0.58 1.71 2.57
N SER A 13 0.67 1.65 2.12
CA SER A 13 1.54 2.82 2.10
C SER A 13 1.08 3.81 1.03
N LEU A 14 0.42 3.28 0.00
CA LEU A 14 -0.07 4.12 -1.09
C LEU A 14 -1.27 4.96 -0.64
N ILE A 15 -2.31 4.28 -0.16
CA ILE A 15 -3.51 4.95 0.31
C ILE A 15 -3.17 6.02 1.35
N GLU A 16 -2.11 5.77 2.11
CA GLU A 16 -1.68 6.70 3.15
C GLU A 16 -1.20 8.02 2.53
N GLN A 17 -0.20 7.94 1.67
CA GLN A 17 0.34 9.12 1.02
C GLN A 17 -0.70 9.76 0.10
N PHE A 18 -1.57 8.93 -0.46
CA PHE A 18 -2.61 9.42 -1.36
C PHE A 18 -3.48 10.47 -0.68
N THR A 19 -4.20 10.06 0.36
CA THR A 19 -5.07 10.96 1.10
C THR A 19 -4.29 12.16 1.65
N GLY A 20 -3.06 11.89 2.09
CA GLY A 20 -2.22 12.94 2.63
C GLY A 20 -1.64 12.58 3.98
N LYS A 21 -2.34 11.74 4.73
CA LYS A 21 -1.89 11.30 6.04
C LYS A 21 -2.12 9.81 6.25
N GLY A 2 4.30 -13.96 -4.07
CA GLY A 2 5.41 -13.02 -4.12
C GLY A 2 4.98 -11.67 -4.68
N ILE A 3 3.94 -11.67 -5.49
CA ILE A 3 3.44 -10.44 -6.10
C ILE A 3 2.04 -10.11 -5.61
N ILE A 4 1.31 -11.14 -5.20
CA ILE A 4 -0.05 -10.98 -4.70
C ILE A 4 -0.08 -10.98 -3.17
N ALA A 5 0.91 -11.60 -2.57
CA ALA A 5 1.01 -11.68 -1.12
C ALA A 5 1.66 -10.42 -0.54
N GLY A 6 2.47 -9.76 -1.36
CA GLY A 6 3.15 -8.55 -0.92
C GLY A 6 2.43 -7.29 -1.36
N ILE A 7 1.56 -7.43 -2.36
CA ILE A 7 0.81 -6.29 -2.87
C ILE A 7 0.06 -5.57 -1.74
N ILE A 8 -0.35 -6.33 -0.75
CA ILE A 8 -1.08 -5.77 0.39
C ILE A 8 -0.15 -4.98 1.30
N LYS A 9 1.12 -5.38 1.32
CA LYS A 9 2.12 -4.72 2.15
C LYS A 9 2.61 -3.43 1.49
N VAL A 10 2.39 -3.33 0.18
CA VAL A 10 2.81 -2.15 -0.58
C VAL A 10 1.65 -1.19 -0.80
N ILE A 11 0.48 -1.74 -1.14
CA ILE A 11 -0.71 -0.94 -1.37
C ILE A 11 -0.98 0.00 -0.21
N LYS A 12 -0.57 -0.42 0.99
CA LYS A 12 -0.77 0.40 2.18
C LYS A 12 0.12 1.63 2.15
N SER A 13 1.34 1.48 1.65
CA SER A 13 2.28 2.58 1.56
C SER A 13 1.83 3.60 0.53
N LEU A 14 1.26 3.11 -0.57
CA LEU A 14 0.78 3.99 -1.63
C LEU A 14 -0.41 4.82 -1.15
N ILE A 15 -1.38 4.16 -0.55
CA ILE A 15 -2.57 4.84 -0.05
C ILE A 15 -2.21 5.80 1.09
N GLU A 16 -1.18 5.45 1.85
CA GLU A 16 -0.74 6.28 2.96
C GLU A 16 -0.40 7.69 2.49
N GLN A 17 0.70 7.81 1.74
CA GLN A 17 1.15 9.10 1.23
C GLN A 17 0.01 9.80 0.47
N PHE A 18 -0.86 9.01 -0.14
CA PHE A 18 -1.98 9.55 -0.89
C PHE A 18 -2.93 10.31 0.03
N THR A 19 -3.47 9.62 1.03
CA THR A 19 -4.39 10.23 1.98
C THR A 19 -3.68 11.25 2.86
N GLY A 20 -4.42 12.27 3.31
CA GLY A 20 -3.84 13.30 4.14
C GLY A 20 -4.91 14.16 4.81
N LYS A 21 -5.83 13.52 5.52
CA LYS A 21 -6.90 14.23 6.20
C LYS A 21 -6.34 15.06 7.36
N GLY A 2 4.49 -14.27 -5.48
CA GLY A 2 5.64 -13.45 -5.15
C GLY A 2 5.26 -12.02 -4.83
N ILE A 3 4.61 -11.36 -5.79
CA ILE A 3 4.19 -9.98 -5.61
C ILE A 3 2.80 -9.89 -5.01
N ILE A 4 2.01 -10.95 -5.21
CA ILE A 4 0.65 -11.00 -4.69
C ILE A 4 0.65 -11.07 -3.16
N ALA A 5 1.75 -11.58 -2.60
CA ALA A 5 1.88 -11.70 -1.16
C ALA A 5 2.35 -10.39 -0.53
N GLY A 6 3.03 -9.57 -1.33
CA GLY A 6 3.53 -8.30 -0.84
C GLY A 6 2.62 -7.14 -1.20
N ILE A 7 1.76 -7.35 -2.21
CA ILE A 7 0.84 -6.32 -2.64
C ILE A 7 -0.01 -5.80 -1.48
N ILE A 8 -0.27 -6.68 -0.52
CA ILE A 8 -1.06 -6.31 0.65
C ILE A 8 -0.25 -5.44 1.61
N LYS A 9 1.06 -5.62 1.59
CA LYS A 9 1.96 -4.85 2.45
C LYS A 9 2.23 -3.47 1.87
N VAL A 10 1.98 -3.32 0.57
CA VAL A 10 2.19 -2.05 -0.11
C VAL A 10 0.88 -1.29 -0.28
N ILE A 11 -0.18 -2.00 -0.63
CA ILE A 11 -1.49 -1.39 -0.82
C ILE A 11 -1.88 -0.55 0.38
N LYS A 12 -1.41 -0.95 1.55
CA LYS A 12 -1.70 -0.23 2.79
C LYS A 12 -0.90 1.06 2.88
N SER A 13 0.39 0.98 2.55
CA SER A 13 1.27 2.13 2.59
C SER A 13 0.88 3.16 1.53
N LEU A 14 0.33 2.66 0.42
CA LEU A 14 -0.10 3.53 -0.68
C LEU A 14 -1.23 4.46 -0.23
N ILE A 15 -2.27 3.87 0.35
CA ILE A 15 -3.41 4.64 0.83
C ILE A 15 -2.97 5.79 1.73
N GLU A 16 -1.99 5.53 2.58
CA GLU A 16 -1.48 6.55 3.49
C GLU A 16 -0.89 7.72 2.71
N GLN A 17 0.13 7.45 1.91
CA GLN A 17 0.77 8.48 1.11
C GLN A 17 -0.23 9.17 0.19
N PHE A 18 -1.26 8.43 -0.21
CA PHE A 18 -2.29 8.96 -1.09
C PHE A 18 -3.16 9.98 -0.36
N THR A 19 -3.63 9.61 0.83
CA THR A 19 -4.47 10.49 1.64
C THR A 19 -3.64 11.51 2.39
N GLY A 20 -3.82 12.77 2.06
CA GLY A 20 -3.08 13.83 2.73
C GLY A 20 -3.96 14.98 3.16
N LYS A 21 -5.23 14.67 3.45
CA LYS A 21 -6.18 15.68 3.90
C LYS A 21 -6.31 16.79 2.85
N GLY A 2 5.12 -12.47 -5.51
CA GLY A 2 5.86 -11.21 -5.49
C GLY A 2 4.96 -10.01 -5.74
N ILE A 3 3.84 -10.24 -6.41
CA ILE A 3 2.90 -9.16 -6.71
C ILE A 3 1.63 -9.28 -5.87
N ILE A 4 1.12 -10.51 -5.76
CA ILE A 4 -0.09 -10.76 -4.98
C ILE A 4 0.24 -10.86 -3.49
N ALA A 5 1.48 -11.23 -3.18
CA ALA A 5 1.92 -11.36 -1.80
C ALA A 5 2.27 -10.01 -1.22
N GLY A 6 2.64 -9.06 -2.08
CA GLY A 6 3.02 -7.73 -1.61
C GLY A 6 1.87 -6.74 -1.74
N ILE A 7 0.93 -7.04 -2.63
CA ILE A 7 -0.23 -6.17 -2.83
C ILE A 7 -0.92 -5.86 -1.52
N ILE A 8 -0.84 -6.78 -0.57
CA ILE A 8 -1.46 -6.61 0.73
C ILE A 8 -0.53 -5.88 1.69
N LYS A 9 0.78 -6.03 1.48
CA LYS A 9 1.77 -5.39 2.31
C LYS A 9 2.28 -4.10 1.68
N VAL A 10 1.52 -3.57 0.72
CA VAL A 10 1.88 -2.34 0.03
C VAL A 10 0.68 -1.41 -0.10
N ILE A 11 -0.47 -1.99 -0.43
CA ILE A 11 -1.69 -1.21 -0.59
C ILE A 11 -1.94 -0.32 0.63
N LYS A 12 -1.52 -0.79 1.80
CA LYS A 12 -1.70 -0.04 3.03
C LYS A 12 -0.79 1.18 3.05
N SER A 13 0.46 1.00 2.62
CA SER A 13 1.43 2.08 2.59
C SER A 13 1.14 3.04 1.43
N LEU A 14 0.52 2.52 0.38
CA LEU A 14 0.19 3.32 -0.79
C LEU A 14 -0.87 4.37 -0.46
N ILE A 15 -1.88 3.95 0.30
CA ILE A 15 -2.96 4.84 0.69
C ILE A 15 -2.47 5.90 1.68
N GLU A 16 -1.43 5.57 2.42
CA GLU A 16 -0.86 6.48 3.40
C GLU A 16 -0.20 7.68 2.70
N GLN A 17 0.78 7.39 1.87
CA GLN A 17 1.49 8.44 1.14
C GLN A 17 0.52 9.27 0.29
N PHE A 18 -0.43 8.59 -0.34
CA PHE A 18 -1.42 9.26 -1.17
C PHE A 18 -2.13 10.37 -0.40
N THR A 19 -2.92 9.96 0.60
CA THR A 19 -3.65 10.91 1.42
C THR A 19 -2.73 11.98 1.98
N GLY A 20 -3.31 13.14 2.32
CA GLY A 20 -2.52 14.23 2.87
C GLY A 20 -2.74 14.41 4.36
N LYS A 21 -3.96 14.13 4.82
CA LYS A 21 -4.29 14.26 6.23
C LYS A 21 -3.61 13.17 7.06
N GLY A 2 4.90 -12.98 -5.69
CA GLY A 2 5.81 -11.90 -5.36
C GLY A 2 5.19 -10.54 -5.55
N ILE A 3 4.20 -10.46 -6.43
CA ILE A 3 3.52 -9.20 -6.70
C ILE A 3 2.13 -9.17 -6.06
N ILE A 4 1.38 -10.25 -6.24
CA ILE A 4 0.04 -10.35 -5.67
C ILE A 4 0.09 -10.71 -4.20
N ALA A 5 1.18 -11.36 -3.79
CA ALA A 5 1.35 -11.76 -2.40
C ALA A 5 1.90 -10.61 -1.56
N GLY A 6 2.59 -9.68 -2.21
CA GLY A 6 3.16 -8.54 -1.52
C GLY A 6 2.29 -7.31 -1.62
N ILE A 7 1.41 -7.28 -2.62
CA ILE A 7 0.52 -6.15 -2.82
C ILE A 7 -0.27 -5.84 -1.56
N ILE A 8 -0.57 -6.87 -0.78
CA ILE A 8 -1.32 -6.70 0.46
C ILE A 8 -0.45 -6.11 1.56
N LYS A 9 0.86 -6.33 1.45
CA LYS A 9 1.81 -5.80 2.43
C LYS A 9 2.16 -4.35 2.12
N VAL A 10 1.88 -3.94 0.89
CA VAL A 10 2.18 -2.57 0.46
C VAL A 10 0.91 -1.74 0.38
N ILE A 11 -0.23 -2.41 0.19
CA ILE A 11 -1.51 -1.73 0.10
C ILE A 11 -1.72 -0.79 1.29
N LYS A 12 -1.13 -1.13 2.43
CA LYS A 12 -1.25 -0.31 3.63
C LYS A 12 -0.43 0.97 3.49
N SER A 13 0.81 0.84 3.04
CA SER A 13 1.69 1.98 2.88
C SER A 13 1.24 2.84 1.70
N LEU A 14 0.58 2.22 0.74
CA LEU A 14 0.09 2.91 -0.45
C LEU A 14 -1.02 3.90 -0.09
N ILE A 15 -1.99 3.42 0.68
CA ILE A 15 -3.10 4.26 1.10
C ILE A 15 -2.63 5.40 2.00
N GLU A 16 -1.51 5.19 2.67
CA GLU A 16 -0.95 6.20 3.54
C GLU A 16 -0.43 7.40 2.75
N GLN A 17 0.54 7.14 1.87
CA GLN A 17 1.12 8.20 1.05
C GLN A 17 0.04 8.91 0.25
N PHE A 18 -0.90 8.14 -0.29
CA PHE A 18 -1.99 8.72 -1.08
C PHE A 18 -2.73 9.78 -0.30
N THR A 19 -3.43 9.36 0.75
CA THR A 19 -4.19 10.29 1.58
C THR A 19 -3.32 11.44 2.07
N GLY A 20 -3.95 12.58 2.33
CA GLY A 20 -3.21 13.74 2.79
C GLY A 20 -3.55 14.11 4.22
N LYS A 21 -4.76 13.77 4.64
CA LYS A 21 -5.20 14.07 6.00
C LYS A 21 -5.53 12.79 6.77
N GLY A 2 4.78 -13.44 -4.28
CA GLY A 2 5.71 -12.37 -3.97
C GLY A 2 5.16 -11.00 -4.31
N ILE A 3 4.36 -10.94 -5.37
CA ILE A 3 3.77 -9.69 -5.81
C ILE A 3 2.31 -9.57 -5.36
N ILE A 4 1.55 -10.64 -5.58
CA ILE A 4 0.14 -10.67 -5.19
C ILE A 4 -0.01 -10.83 -3.68
N ALA A 5 1.00 -11.42 -3.06
CA ALA A 5 0.97 -11.64 -1.62
C ALA A 5 1.45 -10.40 -0.87
N GLY A 6 2.26 -9.58 -1.55
CA GLY A 6 2.77 -8.37 -0.92
C GLY A 6 1.98 -7.14 -1.32
N ILE A 7 1.25 -7.24 -2.42
CA ILE A 7 0.45 -6.12 -2.91
C ILE A 7 -0.49 -5.60 -1.83
N ILE A 8 -0.96 -6.51 -0.97
CA ILE A 8 -1.86 -6.15 0.11
C ILE A 8 -1.10 -5.44 1.24
N LYS A 9 0.18 -5.74 1.35
CA LYS A 9 1.02 -5.13 2.39
C LYS A 9 1.50 -3.75 1.95
N VAL A 10 1.43 -3.49 0.65
CA VAL A 10 1.87 -2.20 0.11
C VAL A 10 0.67 -1.34 -0.26
N ILE A 11 -0.46 -1.98 -0.52
CA ILE A 11 -1.68 -1.26 -0.88
C ILE A 11 -1.99 -0.15 0.12
N LYS A 12 -1.58 -0.37 1.37
CA LYS A 12 -1.81 0.60 2.43
C LYS A 12 -0.85 1.78 2.30
N SER A 13 0.42 1.49 2.13
CA SER A 13 1.45 2.52 1.98
C SER A 13 1.12 3.46 0.82
N LEU A 14 0.55 2.90 -0.23
CA LEU A 14 0.17 3.67 -1.41
C LEU A 14 -0.99 4.61 -1.10
N ILE A 15 -2.11 4.04 -0.67
CA ILE A 15 -3.28 4.83 -0.34
C ILE A 15 -2.98 5.82 0.79
N GLU A 16 -1.99 5.50 1.60
CA GLU A 16 -1.59 6.36 2.71
C GLU A 16 -1.23 7.75 2.21
N GLN A 17 -0.10 7.84 1.52
CA GLN A 17 0.38 9.12 0.99
C GLN A 17 -0.70 9.78 0.14
N PHE A 18 -1.55 8.97 -0.47
CA PHE A 18 -2.64 9.48 -1.31
C PHE A 18 -3.64 10.27 -0.48
N THR A 19 -4.34 9.58 0.41
CA THR A 19 -5.34 10.20 1.26
C THR A 19 -4.71 11.31 2.11
N GLY A 20 -3.43 11.17 2.41
CA GLY A 20 -2.74 12.16 3.21
C GLY A 20 -2.40 11.66 4.60
N LYS A 21 -3.37 11.05 5.26
CA LYS A 21 -3.18 10.52 6.60
C LYS A 21 -3.39 9.01 6.63
N GLY A 2 4.12 -13.40 -5.12
CA GLY A 2 5.08 -12.39 -4.73
C GLY A 2 4.58 -10.98 -4.96
N ILE A 3 3.64 -10.84 -5.90
CA ILE A 3 3.08 -9.54 -6.22
C ILE A 3 1.69 -9.38 -5.63
N ILE A 4 0.85 -10.40 -5.82
CA ILE A 4 -0.52 -10.37 -5.31
C ILE A 4 -0.54 -10.62 -3.80
N ALA A 5 0.49 -11.30 -3.30
CA ALA A 5 0.60 -11.58 -1.88
C ALA A 5 1.22 -10.42 -1.12
N GLY A 6 1.99 -9.61 -1.82
CA GLY A 6 2.64 -8.46 -1.20
C GLY A 6 1.88 -7.18 -1.45
N ILE A 7 1.03 -7.17 -2.47
CA ILE A 7 0.25 -5.98 -2.82
C ILE A 7 -0.54 -5.49 -1.61
N ILE A 8 -0.97 -6.42 -0.76
CA ILE A 8 -1.73 -6.07 0.44
C ILE A 8 -0.82 -5.46 1.51
N LYS A 9 0.46 -5.82 1.47
CA LYS A 9 1.41 -5.31 2.44
C LYS A 9 1.93 -3.94 2.02
N VAL A 10 1.73 -3.60 0.75
CA VAL A 10 2.18 -2.32 0.22
C VAL A 10 0.99 -1.37 0.03
N ILE A 11 -0.18 -1.94 -0.14
CA ILE A 11 -1.40 -1.14 -0.34
C ILE A 11 -1.54 -0.09 0.75
N LYS A 12 -1.02 -0.38 1.93
CA LYS A 12 -1.08 0.54 3.05
C LYS A 12 -0.09 1.68 2.88
N SER A 13 1.20 1.32 2.78
CA SER A 13 2.25 2.32 2.62
C SER A 13 2.00 3.17 1.38
N LEU A 14 1.34 2.59 0.38
CA LEU A 14 1.04 3.30 -0.85
C LEU A 14 -0.02 4.37 -0.62
N ILE A 15 -1.19 3.95 -0.15
CA ILE A 15 -2.29 4.86 0.12
C ILE A 15 -1.89 5.91 1.16
N GLU A 16 -0.94 5.54 2.01
CA GLU A 16 -0.48 6.45 3.05
C GLU A 16 0.01 7.76 2.46
N GLN A 17 1.15 7.72 1.77
CA GLN A 17 1.71 8.92 1.15
C GLN A 17 0.68 9.61 0.27
N PHE A 18 -0.24 8.83 -0.29
CA PHE A 18 -1.28 9.37 -1.15
C PHE A 18 -2.21 10.29 -0.36
N THR A 19 -2.78 9.76 0.72
CA THR A 19 -3.69 10.53 1.56
C THR A 19 -2.94 11.54 2.41
N GLY A 20 -3.68 12.40 3.11
CA GLY A 20 -3.07 13.40 3.95
C GLY A 20 -3.95 13.81 5.12
N LYS A 21 -4.21 12.86 6.01
CA LYS A 21 -5.04 13.12 7.18
C LYS A 21 -4.25 12.93 8.47
N GLY A 2 4.04 -13.28 -5.67
CA GLY A 2 4.90 -12.27 -5.06
C GLY A 2 4.38 -10.86 -5.27
N ILE A 3 3.53 -10.69 -6.27
CA ILE A 3 2.96 -9.38 -6.57
C ILE A 3 1.58 -9.22 -5.95
N ILE A 4 0.90 -10.34 -5.72
CA ILE A 4 -0.43 -10.32 -5.13
C ILE A 4 -0.37 -10.62 -3.64
N ALA A 5 0.68 -11.32 -3.22
CA ALA A 5 0.86 -11.68 -1.82
C ALA A 5 1.48 -10.53 -1.04
N GLY A 6 2.22 -9.67 -1.75
CA GLY A 6 2.86 -8.53 -1.12
C GLY A 6 2.06 -7.25 -1.24
N ILE A 7 1.15 -7.23 -2.22
CA ILE A 7 0.31 -6.06 -2.44
C ILE A 7 -0.43 -5.65 -1.17
N ILE A 8 -0.74 -6.63 -0.34
CA ILE A 8 -1.45 -6.39 0.91
C ILE A 8 -0.52 -5.76 1.95
N LYS A 9 0.77 -6.05 1.82
CA LYS A 9 1.76 -5.51 2.74
C LYS A 9 2.16 -4.09 2.35
N VAL A 10 1.87 -3.72 1.11
CA VAL A 10 2.20 -2.40 0.61
C VAL A 10 0.97 -1.51 0.53
N ILE A 11 -0.20 -2.14 0.41
CA ILE A 11 -1.46 -1.42 0.32
C ILE A 11 -1.60 -0.41 1.45
N LYS A 12 -0.99 -0.73 2.60
CA LYS A 12 -1.04 0.14 3.76
C LYS A 12 -0.17 1.39 3.54
N SER A 13 1.05 1.18 3.09
CA SER A 13 1.98 2.27 2.84
C SER A 13 1.54 3.09 1.64
N LEU A 14 0.82 2.45 0.72
CA LEU A 14 0.33 3.12 -0.48
C LEU A 14 -0.73 4.16 -0.13
N ILE A 15 -1.71 3.75 0.65
CA ILE A 15 -2.79 4.65 1.06
C ILE A 15 -2.25 5.80 1.90
N GLU A 16 -1.12 5.57 2.56
CA GLU A 16 -0.50 6.59 3.40
C GLU A 16 0.08 7.72 2.54
N GLN A 17 1.00 7.38 1.66
CA GLN A 17 1.63 8.36 0.79
C GLN A 17 0.58 9.10 -0.04
N PHE A 18 -0.39 8.35 -0.54
CA PHE A 18 -1.46 8.93 -1.37
C PHE A 18 -2.13 10.09 -0.64
N THR A 19 -2.82 9.77 0.45
CA THR A 19 -3.52 10.78 1.24
C THR A 19 -2.58 11.92 1.63
N GLY A 20 -3.14 13.10 1.83
CA GLY A 20 -2.34 14.25 2.22
C GLY A 20 -3.17 15.39 2.76
N LYS A 21 -4.07 15.08 3.69
CA LYS A 21 -4.94 16.08 4.29
C LYS A 21 -4.26 16.74 5.48
N GLY A 2 4.20 -14.02 -5.29
CA GLY A 2 5.34 -13.15 -5.06
C GLY A 2 4.94 -11.69 -4.97
N ILE A 3 4.11 -11.25 -5.91
CA ILE A 3 3.65 -9.86 -5.92
C ILE A 3 2.31 -9.71 -5.23
N ILE A 4 1.48 -10.76 -5.31
CA ILE A 4 0.17 -10.74 -4.68
C ILE A 4 0.28 -10.88 -3.16
N ALA A 5 1.37 -11.47 -2.71
CA ALA A 5 1.61 -11.65 -1.28
C ALA A 5 2.23 -10.41 -0.65
N GLY A 6 2.92 -9.62 -1.49
CA GLY A 6 3.55 -8.41 -1.00
C GLY A 6 2.72 -7.17 -1.28
N ILE A 7 1.80 -7.28 -2.23
CA ILE A 7 0.94 -6.15 -2.59
C ILE A 7 0.21 -5.61 -1.37
N ILE A 8 -0.10 -6.49 -0.42
CA ILE A 8 -0.79 -6.09 0.79
C ILE A 8 0.15 -5.37 1.75
N LYS A 9 1.44 -5.68 1.65
CA LYS A 9 2.45 -5.05 2.50
C LYS A 9 2.86 -3.69 1.95
N VAL A 10 2.56 -3.46 0.68
CA VAL A 10 2.89 -2.19 0.03
C VAL A 10 1.66 -1.32 -0.14
N ILE A 11 0.49 -1.95 -0.18
CA ILE A 11 -0.76 -1.23 -0.33
C ILE A 11 -0.88 -0.10 0.68
N LYS A 12 -0.26 -0.30 1.85
CA LYS A 12 -0.30 0.70 2.92
C LYS A 12 0.58 1.90 2.55
N SER A 13 1.81 1.63 2.16
CA SER A 13 2.75 2.69 1.79
C SER A 13 2.15 3.59 0.70
N LEU A 14 1.35 2.99 -0.17
CA LEU A 14 0.72 3.72 -1.26
C LEU A 14 -0.37 4.65 -0.73
N ILE A 15 -1.35 4.07 -0.04
CA ILE A 15 -2.45 4.85 0.52
C ILE A 15 -1.94 5.88 1.52
N GLU A 16 -0.79 5.59 2.14
CA GLU A 16 -0.19 6.50 3.11
C GLU A 16 0.02 7.89 2.51
N GLN A 17 0.96 7.98 1.59
CA GLN A 17 1.27 9.24 0.93
C GLN A 17 0.01 9.87 0.34
N PHE A 18 -0.94 9.02 -0.03
CA PHE A 18 -2.19 9.49 -0.61
C PHE A 18 -3.01 10.28 0.41
N THR A 19 -3.35 9.62 1.51
CA THR A 19 -4.14 10.26 2.56
C THR A 19 -3.31 11.31 3.29
N GLY A 20 -3.93 11.95 4.28
CA GLY A 20 -3.24 12.98 5.05
C GLY A 20 -3.93 13.29 6.36
N LYS A 21 -5.25 13.41 6.31
CA LYS A 21 -6.02 13.72 7.51
C LYS A 21 -6.85 12.51 7.94
N GLY A 2 4.09 -13.19 -7.18
CA GLY A 2 5.17 -12.58 -6.43
C GLY A 2 4.81 -11.18 -5.95
N ILE A 3 3.89 -10.54 -6.66
CA ILE A 3 3.47 -9.18 -6.30
C ILE A 3 2.14 -9.20 -5.56
N ILE A 4 1.34 -10.24 -5.81
CA ILE A 4 0.04 -10.38 -5.16
C ILE A 4 0.19 -10.71 -3.68
N ALA A 5 1.32 -11.32 -3.33
CA ALA A 5 1.59 -11.71 -1.95
C ALA A 5 2.16 -10.53 -1.17
N GLY A 6 2.81 -9.61 -1.87
CA GLY A 6 3.39 -8.45 -1.21
C GLY A 6 2.50 -7.22 -1.30
N ILE A 7 1.57 -7.25 -2.26
CA ILE A 7 0.65 -6.12 -2.44
C ILE A 7 -0.08 -5.79 -1.15
N ILE A 8 -0.31 -6.81 -0.34
CA ILE A 8 -1.00 -6.63 0.94
C ILE A 8 -0.09 -5.96 1.97
N LYS A 9 1.22 -6.16 1.81
CA LYS A 9 2.19 -5.58 2.72
C LYS A 9 2.49 -4.14 2.35
N VAL A 10 2.15 -3.76 1.12
CA VAL A 10 2.38 -2.40 0.64
C VAL A 10 1.08 -1.61 0.61
N ILE A 11 -0.04 -2.31 0.50
CA ILE A 11 -1.34 -1.66 0.45
C ILE A 11 -1.51 -0.69 1.61
N LYS A 12 -0.86 -0.98 2.74
CA LYS A 12 -0.93 -0.14 3.91
C LYS A 12 -0.16 1.16 3.70
N SER A 13 1.06 1.04 3.19
CA SER A 13 1.90 2.21 2.94
C SER A 13 1.38 3.01 1.76
N LEU A 14 0.68 2.34 0.85
CA LEU A 14 0.13 2.99 -0.33
C LEU A 14 -1.00 3.94 0.06
N ILE A 15 -1.93 3.44 0.87
CA ILE A 15 -3.06 4.25 1.32
C ILE A 15 -2.60 5.43 2.18
N GLU A 16 -1.44 5.27 2.80
CA GLU A 16 -0.88 6.32 3.65
C GLU A 16 -0.41 7.50 2.82
N GLN A 17 0.50 7.24 1.90
CA GLN A 17 1.04 8.29 1.03
C GLN A 17 -0.07 8.93 0.22
N PHE A 18 -1.00 8.12 -0.27
CA PHE A 18 -2.11 8.60 -1.07
C PHE A 18 -2.87 9.70 -0.34
N THR A 19 -3.52 9.34 0.76
CA THR A 19 -4.28 10.29 1.55
C THR A 19 -3.43 11.51 1.91
N GLY A 20 -3.90 12.69 1.51
CA GLY A 20 -3.17 13.91 1.80
C GLY A 20 -3.25 14.31 3.26
N LYS A 21 -4.41 14.08 3.87
CA LYS A 21 -4.62 14.41 5.27
C LYS A 21 -4.67 13.15 6.13
N GLY A 2 4.51 -13.38 -5.64
CA GLY A 2 5.41 -12.49 -4.93
C GLY A 2 4.97 -11.04 -5.00
N ILE A 3 4.14 -10.73 -5.98
CA ILE A 3 3.64 -9.37 -6.17
C ILE A 3 2.23 -9.22 -5.62
N ILE A 4 1.48 -10.32 -5.61
CA ILE A 4 0.11 -10.31 -5.11
C ILE A 4 0.07 -10.58 -3.61
N ALA A 5 1.09 -11.26 -3.11
CA ALA A 5 1.17 -11.59 -1.70
C ALA A 5 1.73 -10.42 -0.89
N GLY A 6 2.50 -9.56 -1.56
CA GLY A 6 3.08 -8.41 -0.89
C GLY A 6 2.26 -7.15 -1.09
N ILE A 7 1.41 -7.15 -2.12
CA ILE A 7 0.58 -6.00 -2.43
C ILE A 7 -0.25 -5.59 -1.22
N ILE A 8 -0.60 -6.57 -0.39
CA ILE A 8 -1.40 -6.31 0.81
C ILE A 8 -0.55 -5.66 1.90
N LYS A 9 0.76 -5.92 1.86
CA LYS A 9 1.68 -5.36 2.84
C LYS A 9 2.08 -3.93 2.45
N VAL A 10 1.86 -3.58 1.19
CA VAL A 10 2.19 -2.26 0.69
C VAL A 10 0.95 -1.40 0.51
N ILE A 11 -0.19 -2.06 0.33
CA ILE A 11 -1.46 -1.37 0.15
C ILE A 11 -1.69 -0.35 1.26
N LYS A 12 -1.15 -0.63 2.44
CA LYS A 12 -1.30 0.25 3.59
C LYS A 12 -0.45 1.51 3.41
N SER A 13 0.81 1.33 3.01
CA SER A 13 1.72 2.44 2.80
C SER A 13 1.34 3.23 1.55
N LEU A 14 0.69 2.56 0.61
CA LEU A 14 0.27 3.20 -0.64
C LEU A 14 -0.85 4.20 -0.38
N ILE A 15 -1.86 3.77 0.37
CA ILE A 15 -2.99 4.65 0.68
C ILE A 15 -2.55 5.81 1.55
N GLU A 16 -1.46 5.63 2.29
CA GLU A 16 -0.94 6.67 3.16
C GLU A 16 -0.42 7.85 2.35
N GLN A 17 0.57 7.59 1.51
CA GLN A 17 1.16 8.64 0.68
C GLN A 17 0.10 9.25 -0.24
N PHE A 18 -0.77 8.41 -0.79
CA PHE A 18 -1.82 8.87 -1.68
C PHE A 18 -2.65 9.98 -1.02
N THR A 19 -3.35 9.62 0.05
CA THR A 19 -4.19 10.57 0.77
C THR A 19 -3.39 11.83 1.15
N GLY A 20 -4.11 12.90 1.44
CA GLY A 20 -3.45 14.14 1.81
C GLY A 20 -2.90 14.11 3.22
N LYS A 21 -3.56 13.36 4.10
CA LYS A 21 -3.13 13.25 5.49
C LYS A 21 -3.19 11.79 5.95
N GLY A 2 4.63 -13.05 -6.18
CA GLY A 2 5.51 -12.19 -5.42
C GLY A 2 4.97 -10.77 -5.32
N ILE A 3 4.08 -10.41 -6.22
CA ILE A 3 3.49 -9.08 -6.23
C ILE A 3 2.12 -9.06 -5.55
N ILE A 4 1.38 -10.15 -5.72
CA ILE A 4 0.06 -10.27 -5.12
C ILE A 4 0.15 -10.56 -3.64
N ALA A 5 1.26 -11.16 -3.22
CA ALA A 5 1.48 -11.50 -1.82
C ALA A 5 2.02 -10.29 -1.05
N GLY A 6 2.67 -9.38 -1.76
CA GLY A 6 3.22 -8.20 -1.12
C GLY A 6 2.32 -6.99 -1.28
N ILE A 7 1.43 -7.03 -2.26
CA ILE A 7 0.51 -5.93 -2.51
C ILE A 7 -0.27 -5.57 -1.25
N ILE A 8 -0.54 -6.57 -0.43
CA ILE A 8 -1.27 -6.34 0.82
C ILE A 8 -0.39 -5.68 1.87
N LYS A 9 0.92 -5.90 1.76
CA LYS A 9 1.87 -5.33 2.71
C LYS A 9 2.21 -3.89 2.32
N VAL A 10 1.93 -3.53 1.08
CA VAL A 10 2.19 -2.19 0.58
C VAL A 10 0.91 -1.37 0.48
N ILE A 11 -0.21 -2.06 0.35
CA ILE A 11 -1.51 -1.38 0.25
C ILE A 11 -1.71 -0.40 1.38
N LYS A 12 -1.09 -0.68 2.53
CA LYS A 12 -1.19 0.19 3.70
C LYS A 12 -0.40 1.47 3.49
N SER A 13 0.84 1.33 3.03
CA SER A 13 1.71 2.48 2.79
C SER A 13 1.24 3.27 1.57
N LEU A 14 0.56 2.59 0.65
CA LEU A 14 0.06 3.23 -0.56
C LEU A 14 -1.06 4.22 -0.23
N ILE A 15 -2.02 3.77 0.58
CA ILE A 15 -3.13 4.62 0.98
C ILE A 15 -2.66 5.80 1.81
N GLU A 16 -1.52 5.63 2.48
CA GLU A 16 -0.96 6.68 3.32
C GLU A 16 -0.45 7.84 2.46
N GLN A 17 0.49 7.54 1.57
CA GLN A 17 1.05 8.56 0.69
C GLN A 17 -0.03 9.22 -0.15
N PHE A 18 -0.96 8.42 -0.65
CA PHE A 18 -2.06 8.94 -1.46
C PHE A 18 -2.80 10.05 -0.74
N THR A 19 -3.48 9.70 0.36
CA THR A 19 -4.23 10.67 1.13
C THR A 19 -3.36 11.86 1.51
N GLY A 20 -3.78 13.06 1.09
CA GLY A 20 -3.04 14.26 1.39
C GLY A 20 -2.76 14.42 2.87
N LYS A 21 -3.62 13.83 3.70
CA LYS A 21 -3.47 13.91 5.15
C LYS A 21 -3.14 12.54 5.73
N GLY A 2 4.36 -13.01 -4.72
CA GLY A 2 5.44 -12.08 -4.93
C GLY A 2 4.95 -10.69 -5.28
N ILE A 3 3.83 -10.63 -6.00
CA ILE A 3 3.26 -9.35 -6.40
C ILE A 3 1.87 -9.15 -5.80
N ILE A 4 1.04 -10.19 -5.88
CA ILE A 4 -0.30 -10.12 -5.34
C ILE A 4 -0.30 -10.36 -3.83
N ALA A 5 0.72 -11.06 -3.35
CA ALA A 5 0.85 -11.36 -1.92
C ALA A 5 1.48 -10.19 -1.18
N GLY A 6 2.25 -9.38 -1.90
CA GLY A 6 2.90 -8.23 -1.29
C GLY A 6 2.13 -6.94 -1.51
N ILE A 7 1.26 -6.94 -2.51
CA ILE A 7 0.45 -5.76 -2.82
C ILE A 7 -0.32 -5.29 -1.60
N ILE A 8 -0.70 -6.22 -0.74
CA ILE A 8 -1.44 -5.90 0.47
C ILE A 8 -0.52 -5.26 1.52
N LYS A 9 0.76 -5.57 1.46
CA LYS A 9 1.73 -5.04 2.39
C LYS A 9 2.19 -3.65 1.96
N VAL A 10 1.96 -3.32 0.70
CA VAL A 10 2.34 -2.02 0.16
C VAL A 10 1.13 -1.11 -0.01
N ILE A 11 -0.04 -1.72 -0.14
CA ILE A 11 -1.28 -0.97 -0.31
C ILE A 11 -1.43 0.09 0.78
N LYS A 12 -0.86 -0.19 1.95
CA LYS A 12 -0.94 0.74 3.07
C LYS A 12 -0.05 1.96 2.82
N SER A 13 1.18 1.72 2.37
CA SER A 13 2.12 2.79 2.10
C SER A 13 1.62 3.68 0.96
N LEU A 14 0.81 3.10 0.09
CA LEU A 14 0.25 3.84 -1.04
C LEU A 14 -0.89 4.76 -0.59
N ILE A 15 -1.91 4.18 0.02
CA ILE A 15 -3.04 4.94 0.50
C ILE A 15 -2.60 6.08 1.42
N GLU A 16 -1.49 5.86 2.11
CA GLU A 16 -0.95 6.86 3.02
C GLU A 16 -0.56 8.13 2.27
N GLN A 17 0.50 8.02 1.46
CA GLN A 17 0.98 9.16 0.68
C GLN A 17 -0.15 9.79 -0.12
N PHE A 18 -1.00 8.95 -0.70
CA PHE A 18 -2.13 9.43 -1.49
C PHE A 18 -2.96 10.43 -0.71
N THR A 19 -3.61 9.97 0.35
CA THR A 19 -4.44 10.84 1.18
C THR A 19 -3.67 12.06 1.63
N GLY A 20 -4.36 13.18 1.79
CA GLY A 20 -3.73 14.42 2.21
C GLY A 20 -3.79 14.61 3.71
N LYS A 21 -3.57 13.52 4.46
CA LYS A 21 -3.60 13.58 5.91
C LYS A 21 -2.19 13.70 6.48
#